data_3A1K
#
_entry.id   3A1K
#
_cell.length_a   92.672
_cell.length_b   92.672
_cell.length_c   162.305
_cell.angle_alpha   90.00
_cell.angle_beta   90.00
_cell.angle_gamma   90.00
#
_symmetry.space_group_name_H-M   'P 41 21 2'
#
loop_
_entity.id
_entity.type
_entity.pdbx_description
1 polymer Amidase
2 water water
#
_entity_poly.entity_id   1
_entity_poly.type   'polypeptide(L)'
_entity_poly.pdbx_seq_one_letter_code
;MATIRPDDKAIDAAARHYGITLDKTARLEWPALIDGALGSYDVVDQLYADEATPPTTSREHAVPSASENPLSAWYVTTSI
PPTSDGVLTGRRVAIKDNVTVAGVPMMNGSRTVEGFTPSRDATVVTRLLAAGATVAGKAVCEDLCFSGSSFTPASGPVRN
PWDRQREAGGSSGGSAALVANGDVDFAIGGDQGGSIRIPAAFCGVVGHKPTFGLVPYTGAFPIERTIDHLGPITRTVHDA
ALMLSVIAGRDGNDPRQADSVEAGDYLSTLDSDVDGLRIGIVREGFGHAVSQPEVDDAVRAAAHSLTEIGCTVEEVNIPW
HLHAFHIWNVIATDGGAYQMLDGNGYGMNAEGLYDPELMAHFASRRIQHADALSETVKLVALTGHHGITTLGGASYGKAR
NLVPLARAAYDTALRQFDVLVMPTLPYVASELPAKDVDRATFITKALGMIANTAPFDVTGHPSLSVPAGLVNGLPVGMMI
TGRHFDDATVLRVGRAFEKLRGAFPTPAERASNSAPQLSPA
;
_entity_poly.pdbx_strand_id   A
#
# COMPACT_ATOMS: atom_id res chain seq x y z
N ALA A 2 -11.95 18.03 29.85
CA ALA A 2 -13.29 18.13 29.19
C ALA A 2 -13.14 18.44 27.70
N THR A 3 -13.98 17.83 26.88
CA THR A 3 -13.93 18.02 25.44
C THR A 3 -14.16 19.48 25.06
N ILE A 4 -13.37 19.97 24.11
CA ILE A 4 -13.49 21.34 23.63
C ILE A 4 -14.85 21.55 22.98
N ARG A 5 -15.48 22.68 23.26
CA ARG A 5 -16.78 23.01 22.66
C ARG A 5 -16.54 23.93 21.47
N PRO A 6 -17.46 23.93 20.50
CA PRO A 6 -17.28 24.82 19.35
C PRO A 6 -17.75 26.23 19.70
N ASP A 7 -17.17 27.23 19.05
CA ASP A 7 -17.60 28.61 19.30
C ASP A 7 -18.74 28.94 18.36
N ASP A 8 -19.35 30.12 18.54
CA ASP A 8 -20.48 30.51 17.71
C ASP A 8 -20.27 30.51 16.20
N LYS A 9 -19.08 30.88 15.74
CA LYS A 9 -18.82 30.89 14.30
C LYS A 9 -18.70 29.47 13.77
N ALA A 10 -18.17 28.57 14.60
CA ALA A 10 -18.01 27.17 14.21
C ALA A 10 -19.39 26.56 14.08
N ILE A 11 -20.27 26.88 15.03
CA ILE A 11 -21.64 26.38 14.99
C ILE A 11 -22.33 26.87 13.72
N ASP A 12 -22.18 28.15 13.42
CA ASP A 12 -22.78 28.74 12.23
C ASP A 12 -22.22 28.09 10.98
N ALA A 13 -20.91 27.89 10.96
CA ALA A 13 -20.25 27.27 9.82
C ALA A 13 -20.82 25.86 9.63
N ALA A 14 -20.97 25.11 10.71
CA ALA A 14 -21.50 23.76 10.62
C ALA A 14 -22.88 23.79 9.98
N ALA A 15 -23.72 24.74 10.40
CA ALA A 15 -25.06 24.88 9.85
C ALA A 15 -25.02 25.16 8.35
N ARG A 16 -24.11 26.02 7.92
CA ARG A 16 -23.99 26.36 6.51
C ARG A 16 -23.63 25.11 5.71
N HIS A 17 -22.73 24.32 6.26
CA HIS A 17 -22.27 23.10 5.60
C HIS A 17 -23.48 22.22 5.24
N TYR A 18 -24.45 22.16 6.15
CA TYR A 18 -25.64 21.34 5.93
C TYR A 18 -26.81 22.09 5.29
N GLY A 19 -26.59 23.35 4.97
CA GLY A 19 -27.65 24.14 4.36
C GLY A 19 -28.70 24.54 5.37
N ILE A 20 -28.35 24.45 6.66
CA ILE A 20 -29.26 24.81 7.73
C ILE A 20 -29.06 26.29 8.07
N THR A 21 -30.16 27.05 8.06
CA THR A 21 -30.10 28.48 8.37
C THR A 21 -30.52 28.69 9.82
N LEU A 22 -29.67 29.35 10.59
CA LEU A 22 -29.95 29.58 12.01
C LEU A 22 -30.64 30.91 12.33
N ASP A 23 -31.74 30.81 13.07
CA ASP A 23 -32.52 31.97 13.50
C ASP A 23 -31.73 32.59 14.65
N LYS A 24 -31.98 33.88 14.92
CA LYS A 24 -31.30 34.56 16.02
C LYS A 24 -31.59 33.84 17.32
N THR A 25 -32.75 33.20 17.41
CA THR A 25 -33.12 32.46 18.60
C THR A 25 -32.36 31.13 18.64
N ALA A 26 -32.16 30.54 17.46
CA ALA A 26 -31.45 29.27 17.35
C ALA A 26 -29.98 29.45 17.68
N ARG A 27 -29.39 30.53 17.16
CA ARG A 27 -27.98 30.83 17.40
C ARG A 27 -27.71 30.94 18.89
N LEU A 28 -28.77 31.16 19.64
CA LEU A 28 -28.68 31.31 21.09
C LEU A 28 -28.91 30.01 21.86
N GLU A 29 -29.77 29.14 21.34
CA GLU A 29 -30.07 27.88 22.02
C GLU A 29 -29.09 26.74 21.72
N TRP A 30 -28.67 26.60 20.47
CA TRP A 30 -27.76 25.53 20.07
C TRP A 30 -26.52 25.36 20.94
N PRO A 31 -25.85 26.46 21.30
CA PRO A 31 -24.65 26.36 22.13
C PRO A 31 -24.81 25.46 23.36
N ALA A 32 -25.83 25.72 24.18
CA ALA A 32 -26.06 24.93 25.37
C ALA A 32 -26.48 23.49 25.05
N LEU A 33 -27.20 23.32 23.94
CA LEU A 33 -27.65 22.01 23.53
C LEU A 33 -26.49 21.14 23.06
N ILE A 34 -25.55 21.76 22.35
CA ILE A 34 -24.38 21.07 21.86
C ILE A 34 -23.46 20.77 23.04
N ASP A 35 -23.40 21.70 24.00
CA ASP A 35 -22.56 21.50 25.17
C ASP A 35 -23.07 20.29 25.95
N GLY A 36 -24.38 20.17 26.05
CA GLY A 36 -24.97 19.04 26.75
C GLY A 36 -24.64 17.74 26.01
N ALA A 37 -24.72 17.78 24.68
CA ALA A 37 -24.44 16.60 23.87
C ALA A 37 -23.00 16.16 24.03
N LEU A 38 -22.10 17.11 24.19
CA LEU A 38 -20.69 16.79 24.35
C LEU A 38 -20.38 16.22 25.73
N GLY A 39 -21.40 16.14 26.59
CA GLY A 39 -21.20 15.55 27.91
C GLY A 39 -20.76 14.10 27.73
N SER A 40 -21.26 13.45 26.68
CA SER A 40 -20.91 12.06 26.38
C SER A 40 -19.48 11.93 25.89
N TYR A 41 -19.01 12.94 25.16
CA TYR A 41 -17.65 12.95 24.66
C TYR A 41 -16.69 13.10 25.84
N ASP A 42 -17.11 13.89 26.82
CA ASP A 42 -16.29 14.09 28.01
C ASP A 42 -16.10 12.75 28.70
N VAL A 43 -17.20 12.00 28.83
CA VAL A 43 -17.12 10.70 29.48
C VAL A 43 -16.20 9.76 28.69
N VAL A 44 -16.37 9.71 27.37
CA VAL A 44 -15.52 8.85 26.56
C VAL A 44 -14.06 9.26 26.74
N ASP A 45 -13.80 10.57 26.80
CA ASP A 45 -12.44 11.07 27.01
C ASP A 45 -11.86 10.53 28.30
N GLN A 46 -12.65 10.57 29.37
CA GLN A 46 -12.20 10.08 30.68
C GLN A 46 -12.01 8.57 30.67
N LEU A 47 -13.00 7.85 30.14
CA LEU A 47 -12.91 6.39 30.07
C LEU A 47 -11.67 5.98 29.30
N TYR A 48 -11.43 6.67 28.18
CA TYR A 48 -10.29 6.37 27.34
C TYR A 48 -8.98 6.61 28.09
N ALA A 49 -8.89 7.75 28.77
CA ALA A 49 -7.70 8.08 29.52
C ALA A 49 -7.41 7.01 30.57
N ASP A 50 -8.47 6.49 31.19
CA ASP A 50 -8.31 5.49 32.23
C ASP A 50 -8.23 4.02 31.78
N GLU A 51 -8.97 3.66 30.74
CA GLU A 51 -9.04 2.27 30.31
C GLU A 51 -8.39 1.83 29.00
N ALA A 52 -8.16 2.76 28.07
CA ALA A 52 -7.58 2.37 26.80
C ALA A 52 -6.44 3.23 26.26
N THR A 53 -5.59 3.73 27.17
CA THR A 53 -4.47 4.54 26.74
C THR A 53 -3.25 3.62 26.68
N PRO A 54 -2.69 3.40 25.49
CA PRO A 54 -1.52 2.53 25.36
C PRO A 54 -0.35 2.95 26.24
N PRO A 55 0.40 1.98 26.78
CA PRO A 55 1.53 2.29 27.64
C PRO A 55 2.63 3.02 26.87
N THR A 56 3.49 3.73 27.59
CA THR A 56 4.58 4.47 26.99
C THR A 56 5.64 3.51 26.45
N THR A 57 6.45 3.98 25.51
CA THR A 57 7.50 3.16 24.91
C THR A 57 8.75 4.01 24.66
N SER A 58 9.91 3.47 25.01
CA SER A 58 11.15 4.20 24.80
C SER A 58 12.11 3.43 23.89
N ARG A 59 12.16 3.82 22.63
CA ARG A 59 13.05 3.19 21.67
C ARG A 59 13.95 4.24 21.07
N GLU A 60 15.12 3.84 20.62
CA GLU A 60 16.06 4.77 20.04
C GLU A 60 15.92 4.82 18.52
N HIS A 61 16.16 5.99 17.95
CA HIS A 61 16.10 6.18 16.51
C HIS A 61 17.08 7.27 16.14
N ALA A 62 17.47 7.31 14.88
CA ALA A 62 18.41 8.32 14.43
C ALA A 62 18.13 8.69 12.98
N VAL A 63 18.40 9.96 12.64
CA VAL A 63 18.21 10.42 11.28
C VAL A 63 19.56 10.22 10.59
N PRO A 64 19.61 9.36 9.57
CA PRO A 64 20.85 9.09 8.85
C PRO A 64 21.45 10.31 8.17
N SER A 65 22.78 10.37 8.12
CA SER A 65 23.47 11.48 7.46
C SER A 65 23.40 11.13 5.97
N ALA A 66 23.70 12.10 5.11
CA ALA A 66 23.64 11.87 3.67
C ALA A 66 24.41 10.62 3.26
N SER A 67 25.54 10.38 3.90
CA SER A 67 26.39 9.23 3.60
C SER A 67 25.67 7.90 3.82
N GLU A 68 25.15 7.72 5.03
CA GLU A 68 24.45 6.50 5.40
C GLU A 68 23.06 6.37 4.80
N ASN A 69 22.64 7.36 4.02
CA ASN A 69 21.33 7.33 3.38
C ASN A 69 21.45 7.84 1.94
N PRO A 70 22.29 7.16 1.14
CA PRO A 70 22.54 7.49 -0.27
C PRO A 70 21.34 7.56 -1.21
N LEU A 71 20.37 6.67 -1.00
CA LEU A 71 19.19 6.65 -1.87
C LEU A 71 18.02 7.45 -1.30
N SER A 72 18.23 8.07 -0.14
CA SER A 72 17.18 8.85 0.52
C SER A 72 16.02 7.90 0.79
N ALA A 73 16.32 6.63 0.96
CA ALA A 73 15.32 5.59 1.22
C ALA A 73 14.91 5.47 2.68
N TRP A 74 15.78 5.87 3.60
CA TRP A 74 15.48 5.79 5.04
C TRP A 74 14.88 7.09 5.55
N TYR A 75 13.91 6.98 6.45
CA TYR A 75 13.34 8.17 7.08
C TYR A 75 14.16 8.26 8.36
N VAL A 76 14.11 7.21 9.16
CA VAL A 76 14.87 7.12 10.40
C VAL A 76 15.33 5.68 10.58
N THR A 77 16.49 5.51 11.19
CA THR A 77 17.03 4.18 11.41
C THR A 77 16.90 3.82 12.89
N THR A 78 16.76 2.53 13.16
CA THR A 78 16.63 2.04 14.53
C THR A 78 17.27 0.66 14.62
N SER A 79 17.16 0.06 15.79
CA SER A 79 17.68 -1.26 16.02
C SER A 79 16.82 -1.83 17.13
N ILE A 80 15.57 -2.15 16.78
CA ILE A 80 14.63 -2.71 17.73
C ILE A 80 14.81 -4.22 17.73
N PRO A 81 15.26 -4.79 18.86
CA PRO A 81 15.50 -6.22 19.01
C PRO A 81 14.26 -7.11 19.04
N PRO A 82 14.40 -8.35 18.56
CA PRO A 82 13.29 -9.30 18.54
C PRO A 82 12.89 -9.62 19.98
N THR A 83 11.63 -10.01 20.18
CA THR A 83 11.14 -10.34 21.51
C THR A 83 11.25 -11.85 21.72
N SER A 84 11.49 -12.58 20.63
CA SER A 84 11.64 -14.03 20.65
C SER A 84 12.42 -14.46 19.42
N ASP A 85 13.11 -15.59 19.53
CA ASP A 85 13.87 -16.10 18.41
C ASP A 85 12.92 -16.81 17.46
N GLY A 86 13.24 -16.85 16.17
CA GLY A 86 12.35 -17.50 15.24
C GLY A 86 12.88 -17.65 13.84
N VAL A 87 11.98 -17.92 12.91
CA VAL A 87 12.35 -18.12 11.51
C VAL A 87 13.01 -16.89 10.89
N LEU A 88 12.95 -15.77 11.57
CA LEU A 88 13.56 -14.54 11.06
C LEU A 88 14.79 -14.11 11.87
N THR A 89 15.20 -14.94 12.82
CA THR A 89 16.36 -14.61 13.64
C THR A 89 17.59 -14.28 12.80
N GLY A 90 18.26 -13.18 13.15
CA GLY A 90 19.42 -12.78 12.39
C GLY A 90 19.12 -11.95 11.15
N ARG A 91 17.84 -11.62 10.92
CA ARG A 91 17.49 -10.80 9.75
C ARG A 91 16.99 -9.41 10.18
N ARG A 92 17.21 -8.43 9.33
CA ARG A 92 16.77 -7.06 9.59
C ARG A 92 15.63 -6.72 8.63
N VAL A 93 14.68 -5.92 9.10
CA VAL A 93 13.54 -5.55 8.27
C VAL A 93 13.25 -4.05 8.35
N ALA A 94 13.00 -3.43 7.20
CA ALA A 94 12.67 -2.01 7.18
C ALA A 94 11.15 -1.97 7.17
N ILE A 95 10.58 -0.97 7.82
CA ILE A 95 9.13 -0.84 7.87
C ILE A 95 8.69 0.42 7.13
N LYS A 96 7.76 0.26 6.20
CA LYS A 96 7.24 1.37 5.41
C LYS A 96 6.77 2.44 6.41
N ASP A 97 7.06 3.70 6.12
CA ASP A 97 6.71 4.78 7.04
C ASP A 97 5.23 5.05 7.31
N ASN A 98 4.32 4.34 6.66
CA ASN A 98 2.89 4.54 6.94
C ASN A 98 2.43 3.51 7.96
N VAL A 99 3.36 2.67 8.43
CA VAL A 99 3.06 1.63 9.41
C VAL A 99 3.66 2.02 10.74
N THR A 100 2.85 2.03 11.79
CA THR A 100 3.33 2.44 13.08
C THR A 100 4.26 1.50 13.83
N VAL A 101 5.29 2.09 14.42
CA VAL A 101 6.27 1.42 15.27
C VAL A 101 6.29 2.34 16.47
N ALA A 102 5.79 1.84 17.59
CA ALA A 102 5.70 2.62 18.81
C ALA A 102 7.01 3.28 19.21
N GLY A 103 6.93 4.54 19.63
CA GLY A 103 8.10 5.25 20.09
C GLY A 103 9.04 5.75 19.01
N VAL A 104 8.69 5.48 17.75
CA VAL A 104 9.50 5.90 16.62
C VAL A 104 8.70 6.85 15.73
N PRO A 105 9.25 8.03 15.42
CA PRO A 105 8.53 8.98 14.58
C PRO A 105 8.17 8.46 13.20
N MET A 106 7.10 9.01 12.63
CA MET A 106 6.66 8.65 11.29
C MET A 106 5.99 9.84 10.61
N MET A 107 6.11 9.92 9.29
CA MET A 107 5.52 11.03 8.57
C MET A 107 4.75 10.62 7.32
N ASN A 108 4.80 9.34 6.97
CA ASN A 108 4.09 8.83 5.80
C ASN A 108 4.38 9.74 4.61
N GLY A 109 5.66 10.11 4.48
CA GLY A 109 6.11 10.97 3.40
C GLY A 109 5.39 12.28 3.20
N SER A 110 4.69 12.75 4.23
CA SER A 110 3.92 13.99 4.13
C SER A 110 4.19 15.03 5.21
N ARG A 111 4.09 16.30 4.83
CA ARG A 111 4.30 17.38 5.79
C ARG A 111 3.11 17.39 6.75
N THR A 112 2.00 16.79 6.34
CA THR A 112 0.80 16.75 7.17
C THR A 112 0.83 15.73 8.30
N VAL A 113 1.80 14.81 8.26
CA VAL A 113 1.92 13.79 9.31
C VAL A 113 3.23 13.91 10.07
N GLU A 114 4.24 14.48 9.42
CA GLU A 114 5.55 14.66 10.06
C GLU A 114 5.43 15.28 11.44
N GLY A 115 6.15 14.71 12.40
CA GLY A 115 6.11 15.20 13.76
C GLY A 115 5.37 14.24 14.67
N PHE A 116 4.77 13.22 14.08
CA PHE A 116 4.00 12.24 14.85
C PHE A 116 4.80 11.01 15.27
N THR A 117 4.64 10.61 16.53
CA THR A 117 5.29 9.43 17.05
C THR A 117 4.16 8.58 17.64
N PRO A 118 3.84 7.46 16.98
CA PRO A 118 2.78 6.56 17.44
C PRO A 118 3.02 5.93 18.81
N SER A 119 1.95 5.45 19.42
CA SER A 119 2.03 4.82 20.72
C SER A 119 1.83 3.31 20.63
N ARG A 120 1.38 2.82 19.48
CA ARG A 120 1.16 1.39 19.30
C ARG A 120 2.00 0.83 18.15
N ASP A 121 2.32 -0.45 18.21
CA ASP A 121 3.06 -1.11 17.13
C ASP A 121 1.99 -1.74 16.24
N ALA A 122 2.19 -1.72 14.93
CA ALA A 122 1.26 -2.33 14.00
C ALA A 122 1.35 -3.82 14.31
N THR A 123 0.28 -4.57 14.05
CA THR A 123 0.30 -5.99 14.32
C THR A 123 1.43 -6.71 13.59
N VAL A 124 1.66 -6.35 12.33
CA VAL A 124 2.72 -6.99 11.56
C VAL A 124 4.08 -6.78 12.22
N VAL A 125 4.29 -5.62 12.82
CA VAL A 125 5.55 -5.33 13.48
C VAL A 125 5.77 -6.24 14.69
N THR A 126 4.71 -6.40 15.49
CA THR A 126 4.77 -7.26 16.66
C THR A 126 5.09 -8.70 16.25
N ARG A 127 4.41 -9.20 15.22
CA ARG A 127 4.64 -10.55 14.74
C ARG A 127 6.08 -10.73 14.24
N LEU A 128 6.57 -9.76 13.48
CA LEU A 128 7.92 -9.78 12.94
C LEU A 128 8.95 -9.90 14.08
N LEU A 129 8.79 -9.06 15.11
CA LEU A 129 9.69 -9.08 16.25
C LEU A 129 9.54 -10.39 17.04
N ALA A 130 8.33 -10.95 17.07
CA ALA A 130 8.11 -12.19 17.80
C ALA A 130 8.70 -13.36 17.03
N ALA A 131 9.00 -13.16 15.74
CA ALA A 131 9.57 -14.20 14.91
C ALA A 131 11.09 -14.07 14.81
N GLY A 132 11.66 -13.22 15.64
CA GLY A 132 13.10 -13.04 15.67
C GLY A 132 13.73 -11.96 14.81
N ALA A 133 12.92 -11.15 14.15
CA ALA A 133 13.46 -10.09 13.31
C ALA A 133 13.82 -8.84 14.08
N THR A 134 14.81 -8.13 13.58
CA THR A 134 15.22 -6.86 14.19
C THR A 134 14.67 -5.80 13.24
N VAL A 135 14.00 -4.79 13.80
CA VAL A 135 13.45 -3.72 12.98
C VAL A 135 14.57 -2.70 12.79
N ALA A 136 15.04 -2.57 11.55
CA ALA A 136 16.14 -1.66 11.22
C ALA A 136 15.78 -0.20 11.01
N GLY A 137 14.50 0.08 10.81
CA GLY A 137 14.11 1.47 10.62
C GLY A 137 12.82 1.68 9.83
N LYS A 138 12.53 2.95 9.55
CA LYS A 138 11.34 3.30 8.79
C LYS A 138 11.75 3.71 7.38
N ALA A 139 11.14 3.10 6.38
CA ALA A 139 11.44 3.39 4.99
C ALA A 139 10.49 4.45 4.40
N VAL A 140 11.08 5.45 3.78
CA VAL A 140 10.32 6.53 3.14
C VAL A 140 9.27 6.01 2.17
N CYS A 141 8.14 6.70 2.10
CA CYS A 141 7.07 6.34 1.16
C CYS A 141 6.50 7.63 0.57
N GLU A 142 5.70 7.49 -0.48
CA GLU A 142 5.12 8.66 -1.14
C GLU A 142 4.23 9.49 -0.21
N ASP A 143 4.05 10.75 -0.59
CA ASP A 143 3.22 11.67 0.18
C ASP A 143 1.82 11.07 0.36
N LEU A 144 1.53 10.64 1.58
CA LEU A 144 0.25 10.02 1.91
C LEU A 144 -0.04 8.84 0.97
N CYS A 145 1.03 8.19 0.53
CA CYS A 145 0.96 7.02 -0.35
C CYS A 145 0.10 7.14 -1.61
N PHE A 146 -0.03 8.34 -2.17
CA PHE A 146 -0.83 8.49 -3.38
C PHE A 146 0.04 8.79 -4.59
N SER A 147 0.93 7.87 -4.91
CA SER A 147 1.82 8.02 -6.05
C SER A 147 2.46 6.69 -6.45
N GLY A 148 2.50 6.41 -7.74
CA GLY A 148 3.10 5.19 -8.23
C GLY A 148 4.58 5.34 -8.52
N SER A 149 5.09 6.55 -8.31
CA SER A 149 6.51 6.83 -8.55
C SER A 149 7.17 7.11 -7.20
N SER A 150 8.40 7.62 -7.22
CA SER A 150 9.10 7.90 -5.97
C SER A 150 9.59 9.35 -5.82
N PHE A 151 8.89 10.30 -6.44
CA PHE A 151 9.31 11.69 -6.34
C PHE A 151 8.37 12.60 -5.56
N THR A 152 7.39 12.02 -4.87
CA THR A 152 6.45 12.83 -4.11
C THR A 152 6.75 12.92 -2.61
N PRO A 153 7.73 12.14 -2.09
CA PRO A 153 8.01 12.22 -0.65
C PRO A 153 8.48 13.63 -0.26
N ALA A 154 7.95 14.15 0.84
CA ALA A 154 8.32 15.48 1.30
C ALA A 154 9.80 15.53 1.67
N SER A 155 10.39 14.37 1.94
CA SER A 155 11.79 14.28 2.31
C SER A 155 12.73 14.15 1.11
N GLY A 156 12.17 14.21 -0.10
CA GLY A 156 13.00 14.10 -1.29
C GLY A 156 12.76 12.80 -2.04
N PRO A 157 13.07 12.76 -3.34
CA PRO A 157 12.89 11.55 -4.16
C PRO A 157 13.77 10.37 -3.77
N VAL A 158 13.16 9.19 -3.69
CA VAL A 158 13.89 7.97 -3.38
C VAL A 158 14.55 7.57 -4.71
N ARG A 159 15.83 7.23 -4.66
CA ARG A 159 16.54 6.86 -5.88
C ARG A 159 16.68 5.36 -6.09
N ASN A 160 16.49 4.94 -7.34
CA ASN A 160 16.61 3.54 -7.70
C ASN A 160 18.07 3.13 -7.61
N PRO A 161 18.38 2.05 -6.86
CA PRO A 161 19.77 1.63 -6.75
C PRO A 161 20.37 1.17 -8.08
N TRP A 162 19.51 0.85 -9.04
CA TRP A 162 19.97 0.41 -10.36
C TRP A 162 20.44 1.59 -11.21
N ASP A 163 19.95 2.77 -10.87
CA ASP A 163 20.28 4.00 -11.59
C ASP A 163 19.72 5.13 -10.75
N ARG A 164 20.59 5.79 -9.98
CA ARG A 164 20.18 6.86 -9.08
C ARG A 164 19.51 8.07 -9.72
N GLN A 165 19.42 8.09 -11.04
CA GLN A 165 18.77 9.21 -11.71
C GLN A 165 17.35 8.79 -12.07
N ARG A 166 17.02 7.54 -11.79
CA ARG A 166 15.71 6.99 -12.09
C ARG A 166 14.84 6.73 -10.86
N GLU A 167 13.54 6.57 -11.10
CA GLU A 167 12.55 6.34 -10.06
C GLU A 167 12.65 4.94 -9.46
N ALA A 168 12.44 4.87 -8.14
CA ALA A 168 12.47 3.60 -7.42
C ALA A 168 11.07 2.99 -7.43
N GLY A 169 10.10 3.78 -7.90
CA GLY A 169 8.73 3.32 -7.94
C GLY A 169 8.05 3.79 -6.68
N GLY A 170 6.73 3.61 -6.59
CA GLY A 170 6.08 4.07 -5.39
C GLY A 170 4.59 3.60 -4.94
N SER A 171 3.99 3.43 -3.68
CA SER A 171 4.49 4.32 -2.32
C SER A 171 5.62 3.73 -1.59
N SER A 172 5.78 2.41 -1.69
CA SER A 172 6.81 1.67 -1.00
C SER A 172 8.17 1.77 -1.69
N GLY A 173 8.45 2.92 -2.29
CA GLY A 173 9.73 3.09 -2.97
C GLY A 173 10.90 2.85 -2.04
N GLY A 174 10.86 3.49 -0.88
CA GLY A 174 11.95 3.34 0.08
C GLY A 174 12.19 1.89 0.46
N SER A 175 11.12 1.17 0.79
CA SER A 175 11.25 -0.23 1.16
C SER A 175 11.98 -1.03 0.08
N ALA A 176 11.48 -0.97 -1.14
CA ALA A 176 12.07 -1.71 -2.26
C ALA A 176 13.54 -1.32 -2.47
N ALA A 177 13.82 -0.02 -2.44
CA ALA A 177 15.18 0.46 -2.64
C ALA A 177 16.13 -0.16 -1.62
N LEU A 178 15.79 -0.02 -0.34
CA LEU A 178 16.61 -0.58 0.73
C LEU A 178 16.82 -2.07 0.58
N VAL A 179 15.79 -2.78 0.13
CA VAL A 179 15.92 -4.23 -0.05
C VAL A 179 16.81 -4.55 -1.25
N ALA A 180 16.58 -3.87 -2.37
CA ALA A 180 17.37 -4.09 -3.57
C ALA A 180 18.82 -3.68 -3.38
N ASN A 181 19.04 -2.63 -2.61
CA ASN A 181 20.38 -2.11 -2.37
C ASN A 181 21.12 -2.94 -1.33
N GLY A 182 20.42 -3.90 -0.72
CA GLY A 182 21.03 -4.74 0.29
C GLY A 182 21.11 -4.18 1.70
N ASP A 183 20.49 -3.03 1.96
CA ASP A 183 20.54 -2.44 3.30
C ASP A 183 19.78 -3.27 4.35
N VAL A 184 18.75 -3.99 3.90
CA VAL A 184 17.97 -4.85 4.79
C VAL A 184 17.61 -6.14 4.07
N ASP A 185 17.25 -7.15 4.85
CA ASP A 185 16.87 -8.44 4.29
C ASP A 185 15.51 -8.33 3.63
N PHE A 186 14.55 -7.71 4.30
CA PHE A 186 13.23 -7.52 3.74
C PHE A 186 12.53 -6.29 4.30
N ALA A 187 11.33 -6.05 3.81
CA ALA A 187 10.57 -4.89 4.24
C ALA A 187 9.08 -5.12 4.15
N ILE A 188 8.35 -4.32 4.90
CA ILE A 188 6.90 -4.36 4.89
C ILE A 188 6.49 -3.18 4.03
N GLY A 189 5.61 -3.43 3.08
CA GLY A 189 5.12 -2.39 2.20
C GLY A 189 3.60 -2.38 2.23
N GLY A 190 3.03 -1.32 1.68
CA GLY A 190 1.59 -1.18 1.62
C GLY A 190 1.23 -1.18 0.15
N ASP A 191 0.04 -1.65 -0.19
CA ASP A 191 -0.38 -1.69 -1.59
C ASP A 191 -1.87 -1.30 -1.71
N GLN A 192 -2.14 -0.17 -2.35
CA GLN A 192 -3.52 0.29 -2.56
C GLN A 192 -3.84 0.26 -4.04
N GLY A 193 -2.83 0.52 -4.87
CA GLY A 193 -3.00 0.52 -6.30
C GLY A 193 -1.81 -0.12 -7.01
N GLY A 194 -0.96 -0.78 -6.22
CA GLY A 194 0.21 -1.45 -6.74
C GLY A 194 1.47 -1.05 -5.99
N SER A 195 1.30 -0.29 -4.91
CA SER A 195 2.39 0.23 -4.09
C SER A 195 3.46 -0.76 -3.59
N ILE A 196 3.16 -2.06 -3.61
CA ILE A 196 4.13 -3.08 -3.21
C ILE A 196 4.79 -3.61 -4.48
N ARG A 197 3.95 -3.94 -5.46
CA ARG A 197 4.40 -4.52 -6.72
C ARG A 197 5.17 -3.58 -7.66
N ILE A 198 4.71 -2.34 -7.77
CA ILE A 198 5.37 -1.36 -8.63
C ILE A 198 6.83 -1.11 -8.26
N PRO A 199 7.11 -0.74 -7.00
CA PRO A 199 8.52 -0.50 -6.67
C PRO A 199 9.38 -1.77 -6.73
N ALA A 200 8.81 -2.91 -6.37
CA ALA A 200 9.53 -4.17 -6.44
C ALA A 200 9.98 -4.37 -7.90
N ALA A 201 9.05 -4.16 -8.83
CA ALA A 201 9.35 -4.30 -10.24
C ALA A 201 10.44 -3.33 -10.69
N PHE A 202 10.27 -2.05 -10.40
CA PHE A 202 11.24 -1.02 -10.78
C PHE A 202 12.64 -1.27 -10.23
N CYS A 203 12.71 -1.77 -9.00
CA CYS A 203 13.98 -2.02 -8.34
C CYS A 203 14.49 -3.45 -8.52
N GLY A 204 13.72 -4.29 -9.19
CA GLY A 204 14.14 -5.65 -9.41
C GLY A 204 14.16 -6.57 -8.20
N VAL A 205 13.11 -6.52 -7.39
CA VAL A 205 13.02 -7.39 -6.24
C VAL A 205 11.64 -8.01 -6.21
N VAL A 206 11.36 -8.83 -5.20
CA VAL A 206 10.08 -9.48 -5.13
C VAL A 206 9.12 -8.68 -4.25
N GLY A 207 7.88 -8.56 -4.71
CA GLY A 207 6.88 -7.82 -3.96
C GLY A 207 5.58 -8.59 -4.04
N HIS A 208 5.00 -8.88 -2.90
CA HIS A 208 3.77 -9.65 -2.88
C HIS A 208 2.60 -8.94 -2.21
N LYS A 209 1.52 -8.69 -2.96
CA LYS A 209 0.33 -8.12 -2.37
C LYS A 209 -0.52 -9.36 -2.06
N PRO A 210 -0.62 -9.73 -0.77
CA PRO A 210 -1.40 -10.90 -0.39
C PRO A 210 -2.90 -10.72 -0.68
N THR A 211 -3.65 -11.81 -0.50
CA THR A 211 -5.08 -11.77 -0.69
C THR A 211 -5.61 -10.69 0.28
N PHE A 212 -6.59 -9.91 -0.16
CA PHE A 212 -7.16 -8.87 0.70
C PHE A 212 -7.62 -9.50 2.02
N GLY A 213 -7.23 -8.89 3.14
CA GLY A 213 -7.64 -9.40 4.44
C GLY A 213 -6.83 -10.51 5.07
N LEU A 214 -5.83 -11.03 4.35
CA LEU A 214 -5.00 -12.09 4.88
C LEU A 214 -4.07 -11.53 5.95
N VAL A 215 -3.37 -10.45 5.59
CA VAL A 215 -2.45 -9.78 6.48
C VAL A 215 -3.19 -8.61 7.14
N PRO A 216 -3.13 -8.51 8.47
CA PRO A 216 -3.81 -7.42 9.17
C PRO A 216 -3.21 -6.06 8.86
N TYR A 217 -4.07 -5.11 8.54
CA TYR A 217 -3.64 -3.75 8.21
C TYR A 217 -3.51 -2.91 9.49
N THR A 218 -3.97 -3.46 10.61
CA THR A 218 -3.93 -2.78 11.89
C THR A 218 -2.61 -2.04 12.15
N GLY A 219 -2.71 -0.73 12.35
CA GLY A 219 -1.52 0.07 12.62
C GLY A 219 -0.96 0.78 11.41
N ALA A 220 -1.46 0.49 10.22
CA ALA A 220 -0.99 1.17 9.02
C ALA A 220 -1.96 2.30 8.71
N PHE A 221 -1.45 3.37 8.10
CA PHE A 221 -2.28 4.53 7.75
C PHE A 221 -3.25 4.17 6.63
N PRO A 222 -4.55 4.12 6.94
CA PRO A 222 -5.61 3.78 5.97
C PRO A 222 -5.76 4.77 4.83
N ILE A 223 -6.07 4.28 3.63
CA ILE A 223 -6.30 5.19 2.50
C ILE A 223 -7.77 5.02 2.13
N GLU A 224 -8.13 3.79 1.76
CA GLU A 224 -9.51 3.42 1.41
C GLU A 224 -9.61 1.99 1.95
N ARG A 225 -10.44 1.83 2.96
CA ARG A 225 -10.60 0.55 3.62
C ARG A 225 -10.64 -0.70 2.74
N THR A 226 -11.47 -0.68 1.70
CA THR A 226 -11.62 -1.83 0.82
C THR A 226 -10.45 -2.16 -0.11
N ILE A 227 -9.42 -1.34 -0.13
CA ILE A 227 -8.29 -1.61 -1.00
C ILE A 227 -6.94 -1.62 -0.30
N ASP A 228 -6.93 -1.41 1.01
CA ASP A 228 -5.68 -1.39 1.79
C ASP A 228 -5.07 -2.81 1.98
N HIS A 229 -3.80 -2.97 1.62
CA HIS A 229 -3.11 -4.24 1.78
C HIS A 229 -1.73 -3.96 2.34
N LEU A 230 -1.20 -4.90 3.12
CA LEU A 230 0.16 -4.84 3.65
C LEU A 230 0.78 -6.13 3.16
N GLY A 231 2.06 -6.11 2.83
CA GLY A 231 2.69 -7.31 2.34
C GLY A 231 4.21 -7.18 2.34
N PRO A 232 4.92 -8.27 2.05
CA PRO A 232 6.39 -8.27 2.03
C PRO A 232 7.05 -7.88 0.72
N ILE A 233 8.21 -7.25 0.86
CA ILE A 233 9.05 -6.86 -0.27
C ILE A 233 10.37 -7.54 0.10
N THR A 234 10.84 -8.45 -0.74
CA THR A 234 12.05 -9.18 -0.46
C THR A 234 12.90 -9.40 -1.71
N ARG A 235 14.07 -9.98 -1.50
CA ARG A 235 14.99 -10.23 -2.60
C ARG A 235 14.65 -11.53 -3.33
N THR A 236 14.02 -12.47 -2.63
CA THR A 236 13.65 -13.73 -3.26
C THR A 236 12.24 -14.16 -2.92
N VAL A 237 11.68 -15.07 -3.70
CA VAL A 237 10.32 -15.56 -3.48
C VAL A 237 10.25 -16.32 -2.16
N HIS A 238 11.27 -17.13 -1.87
CA HIS A 238 11.30 -17.89 -0.62
C HIS A 238 11.17 -16.96 0.59
N ASP A 239 11.91 -15.85 0.56
CA ASP A 239 11.83 -14.90 1.66
C ASP A 239 10.44 -14.29 1.78
N ALA A 240 9.79 -14.10 0.63
CA ALA A 240 8.45 -13.54 0.61
C ALA A 240 7.48 -14.51 1.27
N ALA A 241 7.60 -15.79 0.92
CA ALA A 241 6.75 -16.82 1.49
C ALA A 241 6.99 -16.93 2.99
N LEU A 242 8.26 -16.87 3.38
CA LEU A 242 8.64 -16.96 4.79
C LEU A 242 8.06 -15.80 5.60
N MET A 243 8.22 -14.58 5.09
CA MET A 243 7.70 -13.41 5.79
C MET A 243 6.18 -13.50 5.87
N LEU A 244 5.57 -13.99 4.80
CA LEU A 244 4.11 -14.12 4.79
C LEU A 244 3.64 -15.13 5.82
N SER A 245 4.46 -16.17 6.08
CA SER A 245 4.06 -17.18 7.06
C SER A 245 4.07 -16.58 8.46
N VAL A 246 4.81 -15.48 8.63
CA VAL A 246 4.90 -14.84 9.92
C VAL A 246 3.83 -13.75 10.11
N ILE A 247 3.55 -12.97 9.07
CA ILE A 247 2.59 -11.88 9.21
C ILE A 247 1.14 -12.19 8.87
N ALA A 248 0.89 -13.28 8.15
CA ALA A 248 -0.49 -13.61 7.78
C ALA A 248 -1.31 -14.04 8.99
N GLY A 249 -2.62 -13.82 8.91
CA GLY A 249 -3.50 -14.23 10.00
C GLY A 249 -4.30 -13.14 10.68
N ARG A 250 -5.51 -13.50 11.09
CA ARG A 250 -6.41 -12.57 11.75
C ARG A 250 -5.83 -12.06 13.07
N ASP A 251 -6.13 -10.81 13.42
CA ASP A 251 -5.65 -10.27 14.67
C ASP A 251 -6.80 -9.77 15.55
N GLY A 252 -8.01 -9.85 15.01
CA GLY A 252 -9.20 -9.42 15.73
C GLY A 252 -9.41 -7.91 15.84
N ASN A 253 -8.54 -7.12 15.19
CA ASN A 253 -8.65 -5.66 15.26
C ASN A 253 -8.89 -4.99 13.91
N ASP A 254 -8.83 -5.78 12.83
CA ASP A 254 -8.98 -5.26 11.48
C ASP A 254 -10.28 -5.70 10.83
N PRO A 255 -11.20 -4.76 10.57
CA PRO A 255 -12.50 -5.07 9.96
C PRO A 255 -12.40 -5.65 8.55
N ARG A 256 -11.23 -5.54 7.93
CA ARG A 256 -11.05 -6.06 6.58
C ARG A 256 -10.92 -7.58 6.58
N GLN A 257 -10.52 -8.14 7.71
CA GLN A 257 -10.32 -9.57 7.81
C GLN A 257 -11.58 -10.32 8.13
N ALA A 258 -12.03 -11.16 7.21
CA ALA A 258 -13.22 -11.95 7.40
C ALA A 258 -12.97 -13.01 8.47
N ASP A 259 -14.07 -13.48 9.08
CA ASP A 259 -14.03 -14.49 10.13
C ASP A 259 -13.36 -15.79 9.69
N SER A 260 -13.46 -16.08 8.41
CA SER A 260 -12.89 -17.31 7.87
C SER A 260 -11.42 -17.23 7.50
N VAL A 261 -10.83 -16.05 7.59
CA VAL A 261 -9.42 -15.91 7.24
C VAL A 261 -8.51 -16.79 8.10
N GLU A 262 -7.62 -17.52 7.43
CA GLU A 262 -6.67 -18.40 8.08
C GLU A 262 -5.39 -18.35 7.27
N ALA A 263 -4.24 -18.37 7.93
CA ALA A 263 -2.99 -18.36 7.21
C ALA A 263 -2.85 -19.72 6.54
N GLY A 264 -2.37 -19.73 5.30
CA GLY A 264 -2.18 -20.98 4.59
C GLY A 264 -0.80 -21.52 4.88
N ASP A 265 -0.35 -22.46 4.06
CA ASP A 265 0.97 -23.05 4.21
C ASP A 265 1.73 -22.61 2.97
N TYR A 266 2.57 -21.61 3.10
CA TYR A 266 3.30 -21.05 1.97
C TYR A 266 4.70 -21.62 1.75
N LEU A 267 5.14 -22.50 2.65
CA LEU A 267 6.48 -23.06 2.54
C LEU A 267 6.57 -24.53 2.16
N SER A 268 5.70 -25.35 2.74
CA SER A 268 5.69 -26.80 2.49
C SER A 268 5.84 -27.20 1.03
N THR A 269 4.98 -26.67 0.18
CA THR A 269 5.00 -27.01 -1.24
C THR A 269 5.56 -25.89 -2.11
N LEU A 270 6.30 -24.97 -1.51
CA LEU A 270 6.89 -23.87 -2.27
C LEU A 270 7.75 -24.36 -3.43
N ASP A 271 8.55 -25.39 -3.19
CA ASP A 271 9.42 -25.92 -4.24
C ASP A 271 8.90 -27.19 -4.91
N SER A 272 7.59 -27.40 -4.88
CA SER A 272 7.01 -28.57 -5.52
C SER A 272 6.95 -28.32 -7.02
N ASP A 273 6.91 -29.38 -7.81
CA ASP A 273 6.87 -29.25 -9.27
C ASP A 273 5.57 -28.57 -9.73
N VAL A 274 5.68 -27.73 -10.75
CA VAL A 274 4.51 -27.04 -11.28
C VAL A 274 4.03 -27.66 -12.59
N ASP A 275 4.48 -28.87 -12.87
CA ASP A 275 4.09 -29.58 -14.07
C ASP A 275 2.56 -29.71 -14.11
N GLY A 276 1.96 -29.37 -15.24
CA GLY A 276 0.52 -29.47 -15.34
C GLY A 276 -0.25 -28.21 -14.94
N LEU A 277 0.43 -27.26 -14.31
CA LEU A 277 -0.26 -26.02 -13.92
C LEU A 277 -0.58 -25.22 -15.18
N ARG A 278 -1.79 -24.69 -15.22
CA ARG A 278 -2.23 -23.89 -16.37
C ARG A 278 -1.98 -22.41 -16.09
N ILE A 279 -1.20 -21.78 -16.97
CA ILE A 279 -0.85 -20.37 -16.84
C ILE A 279 -1.51 -19.54 -17.92
N GLY A 280 -2.29 -18.55 -17.51
CA GLY A 280 -2.98 -17.69 -18.46
C GLY A 280 -2.34 -16.33 -18.65
N ILE A 281 -1.96 -16.02 -19.90
CA ILE A 281 -1.35 -14.73 -20.22
C ILE A 281 -2.50 -13.79 -20.55
N VAL A 282 -2.78 -12.83 -19.67
CA VAL A 282 -3.86 -11.88 -19.87
C VAL A 282 -3.53 -10.88 -20.98
N ARG A 283 -4.15 -11.06 -22.13
CA ARG A 283 -3.91 -10.20 -23.28
C ARG A 283 -4.02 -8.72 -22.97
N GLU A 284 -5.07 -8.34 -22.26
CA GLU A 284 -5.29 -6.94 -21.91
C GLU A 284 -4.17 -6.36 -21.05
N GLY A 285 -3.26 -7.22 -20.60
CA GLY A 285 -2.16 -6.75 -19.78
C GLY A 285 -1.00 -6.27 -20.62
N PHE A 286 -1.07 -6.44 -21.93
CA PHE A 286 0.00 -6.01 -22.82
C PHE A 286 -0.48 -5.02 -23.87
N GLY A 287 0.48 -4.37 -24.52
CA GLY A 287 0.17 -3.41 -25.58
C GLY A 287 -0.68 -2.20 -25.25
N HIS A 288 -0.46 -1.61 -24.07
CA HIS A 288 -1.21 -0.43 -23.68
C HIS A 288 -0.71 0.76 -24.49
N ALA A 289 -1.54 1.79 -24.66
CA ALA A 289 -1.13 2.96 -25.41
C ALA A 289 0.11 3.55 -24.76
N VAL A 290 0.12 3.59 -23.43
CA VAL A 290 1.25 4.13 -22.70
C VAL A 290 2.10 2.98 -22.18
N SER A 291 3.14 2.64 -22.93
CA SER A 291 4.02 1.54 -22.53
C SER A 291 5.21 1.38 -23.47
N GLN A 292 6.16 0.55 -23.04
CA GLN A 292 7.37 0.26 -23.82
C GLN A 292 7.28 -1.20 -24.27
N PRO A 293 7.02 -1.43 -25.56
CA PRO A 293 6.90 -2.79 -26.14
C PRO A 293 8.04 -3.77 -25.83
N GLU A 294 9.24 -3.27 -25.54
CA GLU A 294 10.35 -4.16 -25.20
C GLU A 294 10.02 -4.85 -23.87
N VAL A 295 9.48 -4.06 -22.95
CA VAL A 295 9.11 -4.59 -21.64
C VAL A 295 8.06 -5.68 -21.81
N ASP A 296 7.02 -5.37 -22.59
CA ASP A 296 5.95 -6.32 -22.83
C ASP A 296 6.44 -7.63 -23.46
N ASP A 297 7.35 -7.53 -24.42
CA ASP A 297 7.90 -8.72 -25.08
C ASP A 297 8.73 -9.55 -24.10
N ALA A 298 9.57 -8.88 -23.33
CA ALA A 298 10.41 -9.56 -22.36
C ALA A 298 9.54 -10.39 -21.41
N VAL A 299 8.55 -9.73 -20.80
CA VAL A 299 7.67 -10.42 -19.87
C VAL A 299 6.93 -11.54 -20.55
N ARG A 300 6.49 -11.28 -21.78
CA ARG A 300 5.76 -12.26 -22.58
C ARG A 300 6.62 -13.50 -22.81
N ALA A 301 7.88 -13.27 -23.19
CA ALA A 301 8.81 -14.36 -23.43
C ALA A 301 8.98 -15.16 -22.15
N ALA A 302 9.16 -14.43 -21.05
CA ALA A 302 9.34 -15.05 -19.73
C ALA A 302 8.17 -15.95 -19.37
N ALA A 303 6.95 -15.49 -19.63
CA ALA A 303 5.76 -16.27 -19.32
C ALA A 303 5.75 -17.57 -20.11
N HIS A 304 6.10 -17.50 -21.40
CA HIS A 304 6.12 -18.68 -22.25
C HIS A 304 7.22 -19.69 -21.87
N SER A 305 8.33 -19.20 -21.35
CA SER A 305 9.43 -20.09 -20.98
C SER A 305 9.04 -21.10 -19.90
N LEU A 306 7.88 -20.90 -19.28
CA LEU A 306 7.40 -21.80 -18.24
C LEU A 306 6.99 -23.16 -18.79
N THR A 307 6.88 -23.27 -20.11
CA THR A 307 6.52 -24.54 -20.72
C THR A 307 7.71 -25.47 -20.56
N GLU A 308 8.88 -24.88 -20.37
CA GLU A 308 10.10 -25.65 -20.20
C GLU A 308 10.09 -26.47 -18.92
N ILE A 309 9.22 -26.11 -17.97
CA ILE A 309 9.14 -26.85 -16.73
C ILE A 309 7.82 -27.60 -16.57
N GLY A 310 7.13 -27.82 -17.69
CA GLY A 310 5.89 -28.57 -17.65
C GLY A 310 4.58 -27.81 -17.51
N CYS A 311 4.61 -26.49 -17.66
CA CYS A 311 3.40 -25.69 -17.56
C CYS A 311 2.71 -25.52 -18.91
N THR A 312 1.38 -25.41 -18.88
CA THR A 312 0.59 -25.17 -20.08
C THR A 312 0.37 -23.66 -20.10
N VAL A 313 0.89 -22.99 -21.12
CA VAL A 313 0.75 -21.54 -21.21
C VAL A 313 -0.11 -21.12 -22.38
N GLU A 314 -1.22 -20.44 -22.09
CA GLU A 314 -2.14 -19.98 -23.13
C GLU A 314 -2.57 -18.54 -22.88
N GLU A 315 -2.93 -17.84 -23.95
CA GLU A 315 -3.38 -16.46 -23.82
C GLU A 315 -4.87 -16.46 -23.53
N VAL A 316 -5.32 -15.49 -22.75
CA VAL A 316 -6.73 -15.40 -22.41
C VAL A 316 -7.19 -13.94 -22.43
N ASN A 317 -8.44 -13.73 -22.80
CA ASN A 317 -9.00 -12.38 -22.85
C ASN A 317 -9.80 -12.11 -21.58
N ILE A 318 -9.59 -10.94 -20.98
CA ILE A 318 -10.33 -10.55 -19.79
C ILE A 318 -10.65 -9.07 -19.97
N PRO A 319 -11.68 -8.75 -20.78
CA PRO A 319 -12.07 -7.37 -21.03
C PRO A 319 -12.25 -6.55 -19.76
N TRP A 320 -12.81 -7.18 -18.72
CA TRP A 320 -13.02 -6.49 -17.46
C TRP A 320 -11.75 -6.01 -16.78
N HIS A 321 -10.61 -6.48 -17.25
CA HIS A 321 -9.34 -6.06 -16.66
C HIS A 321 -9.19 -4.56 -16.90
N LEU A 322 -9.64 -4.09 -18.07
CA LEU A 322 -9.53 -2.66 -18.36
C LEU A 322 -10.57 -1.86 -17.58
N HIS A 323 -11.80 -2.37 -17.49
CA HIS A 323 -12.84 -1.69 -16.74
C HIS A 323 -12.49 -1.58 -15.25
N ALA A 324 -11.83 -2.63 -14.74
CA ALA A 324 -11.45 -2.69 -13.33
C ALA A 324 -10.59 -1.52 -12.92
N PHE A 325 -9.80 -1.02 -13.85
CA PHE A 325 -8.93 0.11 -13.56
C PHE A 325 -9.78 1.34 -13.26
N HIS A 326 -10.81 1.58 -14.07
CA HIS A 326 -11.67 2.73 -13.87
C HIS A 326 -12.50 2.59 -12.59
N ILE A 327 -12.94 1.38 -12.30
CA ILE A 327 -13.71 1.12 -11.08
C ILE A 327 -12.81 1.45 -9.89
N TRP A 328 -11.57 0.98 -9.93
CA TRP A 328 -10.61 1.26 -8.87
C TRP A 328 -10.47 2.76 -8.69
N ASN A 329 -10.31 3.48 -9.80
CA ASN A 329 -10.13 4.91 -9.76
C ASN A 329 -11.23 5.65 -9.03
N VAL A 330 -12.47 5.24 -9.26
CA VAL A 330 -13.60 5.87 -8.60
C VAL A 330 -13.54 5.56 -7.10
N ILE A 331 -13.26 4.30 -6.77
CA ILE A 331 -13.20 3.90 -5.38
C ILE A 331 -12.05 4.57 -4.62
N ALA A 332 -10.88 4.61 -5.23
CA ALA A 332 -9.73 5.25 -4.58
C ALA A 332 -9.90 6.78 -4.49
N THR A 333 -10.62 7.37 -5.43
CA THR A 333 -10.79 8.83 -5.42
C THR A 333 -11.90 9.30 -4.49
N ASP A 334 -13.13 8.83 -4.71
CA ASP A 334 -14.24 9.22 -3.84
C ASP A 334 -13.97 8.66 -2.45
N GLY A 335 -13.60 7.39 -2.39
CA GLY A 335 -13.33 6.74 -1.12
C GLY A 335 -12.14 7.34 -0.40
N GLY A 336 -11.06 7.59 -1.15
CA GLY A 336 -9.87 8.17 -0.55
C GLY A 336 -10.11 9.53 0.07
N ALA A 337 -10.77 10.42 -0.67
CA ALA A 337 -11.05 11.75 -0.14
C ALA A 337 -11.97 11.65 1.07
N TYR A 338 -12.98 10.80 0.96
CA TYR A 338 -13.94 10.62 2.04
C TYR A 338 -13.30 10.07 3.31
N GLN A 339 -12.44 9.07 3.16
CA GLN A 339 -11.82 8.44 4.32
C GLN A 339 -10.50 9.02 4.77
N MET A 340 -9.50 9.01 3.89
CA MET A 340 -8.19 9.50 4.26
C MET A 340 -8.13 10.98 4.62
N LEU A 341 -8.85 11.81 3.86
CA LEU A 341 -8.85 13.25 4.16
C LEU A 341 -9.94 13.66 5.15
N ASP A 342 -11.20 13.58 4.75
CA ASP A 342 -12.29 13.96 5.64
C ASP A 342 -12.37 13.06 6.88
N GLY A 343 -11.95 11.81 6.74
CA GLY A 343 -12.00 10.89 7.85
C GLY A 343 -10.71 10.81 8.63
N ASN A 344 -9.74 11.66 8.26
CA ASN A 344 -8.44 11.70 8.93
C ASN A 344 -7.77 10.34 9.03
N GLY A 345 -7.57 9.69 7.88
CA GLY A 345 -6.93 8.40 7.84
C GLY A 345 -7.85 7.24 8.18
N TYR A 346 -8.26 7.14 9.44
CA TYR A 346 -9.11 6.05 9.86
C TYR A 346 -10.56 6.14 9.40
N GLY A 347 -11.12 7.34 9.33
CA GLY A 347 -12.51 7.43 8.94
C GLY A 347 -13.37 6.86 10.07
N MET A 348 -14.58 6.43 9.75
CA MET A 348 -15.49 5.89 10.74
C MET A 348 -16.36 4.77 10.21
N ASN A 349 -17.32 4.35 11.03
CA ASN A 349 -18.30 3.32 10.69
C ASN A 349 -17.77 1.91 10.45
N ALA A 350 -16.73 1.53 11.16
CA ALA A 350 -16.14 0.21 11.06
C ALA A 350 -15.66 -0.20 12.44
N GLU A 351 -15.96 -1.45 12.83
CA GLU A 351 -15.53 -1.98 14.11
C GLU A 351 -14.02 -2.18 13.97
N GLY A 352 -13.27 -2.03 15.06
CA GLY A 352 -11.84 -2.22 14.96
C GLY A 352 -10.98 -1.38 15.90
N LEU A 353 -9.67 -1.51 15.76
CA LEU A 353 -8.73 -0.77 16.59
C LEU A 353 -8.39 0.56 15.92
N TYR A 354 -8.70 1.66 16.58
CA TYR A 354 -8.40 2.98 16.04
C TYR A 354 -7.18 3.62 16.73
N ASP A 355 -6.66 4.67 16.11
CA ASP A 355 -5.53 5.42 16.62
C ASP A 355 -5.95 6.89 16.74
N PRO A 356 -6.73 7.21 17.79
CA PRO A 356 -7.24 8.56 18.07
C PRO A 356 -6.15 9.63 18.06
N GLU A 357 -4.97 9.28 18.57
CA GLU A 357 -3.85 10.23 18.63
C GLU A 357 -3.42 10.64 17.23
N LEU A 358 -3.37 9.66 16.33
CA LEU A 358 -2.98 9.91 14.96
C LEU A 358 -4.04 10.75 14.24
N MET A 359 -5.29 10.40 14.45
CA MET A 359 -6.38 11.13 13.82
C MET A 359 -6.33 12.63 14.18
N ALA A 360 -6.15 12.91 15.47
CA ALA A 360 -6.11 14.28 15.96
C ALA A 360 -4.90 15.05 15.41
N HIS A 361 -3.74 14.40 15.44
CA HIS A 361 -2.51 15.01 14.95
C HIS A 361 -2.64 15.35 13.47
N PHE A 362 -3.04 14.37 12.68
CA PHE A 362 -3.20 14.53 11.24
C PHE A 362 -4.25 15.61 10.93
N ALA A 363 -5.33 15.63 11.71
CA ALA A 363 -6.39 16.60 11.48
C ALA A 363 -5.88 18.05 11.64
N SER A 364 -5.12 18.33 12.68
CA SER A 364 -4.62 19.68 12.89
C SER A 364 -3.58 20.10 11.86
N ARG A 365 -2.71 19.17 11.47
CA ARG A 365 -1.67 19.48 10.49
C ARG A 365 -2.11 19.46 9.02
N ARG A 366 -3.18 18.72 8.73
CA ARG A 366 -3.69 18.61 7.38
C ARG A 366 -4.12 19.95 6.76
N ILE A 367 -4.85 20.74 7.53
CA ILE A 367 -5.32 22.03 7.03
C ILE A 367 -4.21 23.08 7.05
N GLN A 368 -3.34 22.99 8.06
CA GLN A 368 -2.22 23.91 8.22
C GLN A 368 -1.11 23.72 7.18
N HIS A 369 -1.00 22.51 6.63
CA HIS A 369 0.04 22.23 5.63
C HIS A 369 -0.51 21.65 4.33
N ALA A 370 -1.81 21.85 4.10
CA ALA A 370 -2.47 21.33 2.91
C ALA A 370 -1.74 21.67 1.61
N ASP A 371 -1.26 22.91 1.49
CA ASP A 371 -0.57 23.35 0.28
C ASP A 371 0.69 22.55 0.01
N ALA A 372 1.22 21.89 1.03
CA ALA A 372 2.43 21.11 0.86
C ALA A 372 2.13 19.72 0.31
N LEU A 373 0.84 19.35 0.28
CA LEU A 373 0.43 18.06 -0.24
C LEU A 373 0.82 17.89 -1.71
N SER A 374 1.19 16.67 -2.10
CA SER A 374 1.58 16.40 -3.48
C SER A 374 0.42 16.70 -4.41
N GLU A 375 0.72 16.93 -5.68
CA GLU A 375 -0.30 17.24 -6.66
C GLU A 375 -1.31 16.11 -6.88
N THR A 376 -0.87 14.87 -6.73
CA THR A 376 -1.77 13.74 -6.91
C THR A 376 -2.80 13.72 -5.79
N VAL A 377 -2.36 13.98 -4.57
CA VAL A 377 -3.29 13.98 -3.43
C VAL A 377 -4.30 15.11 -3.60
N LYS A 378 -3.85 16.23 -4.17
CA LYS A 378 -4.74 17.37 -4.40
C LYS A 378 -5.74 17.02 -5.48
N LEU A 379 -5.29 16.29 -6.50
CA LEU A 379 -6.20 15.89 -7.56
C LEU A 379 -7.30 15.04 -6.92
N VAL A 380 -6.89 14.10 -6.06
CA VAL A 380 -7.87 13.25 -5.39
C VAL A 380 -8.79 14.09 -4.51
N ALA A 381 -8.21 15.02 -3.76
CA ALA A 381 -9.03 15.86 -2.90
C ALA A 381 -10.09 16.62 -3.71
N LEU A 382 -9.67 17.27 -4.78
CA LEU A 382 -10.60 18.07 -5.60
C LEU A 382 -11.68 17.26 -6.32
N THR A 383 -11.30 16.25 -7.10
CA THR A 383 -12.34 15.49 -7.79
C THR A 383 -13.14 14.62 -6.82
N GLY A 384 -12.49 14.16 -5.75
CA GLY A 384 -13.19 13.36 -4.77
C GLY A 384 -14.24 14.20 -4.08
N HIS A 385 -13.89 15.43 -3.75
CA HIS A 385 -14.84 16.33 -3.08
C HIS A 385 -16.05 16.51 -3.99
N HIS A 386 -15.80 16.54 -5.29
CA HIS A 386 -16.86 16.72 -6.26
C HIS A 386 -17.75 15.47 -6.28
N GLY A 387 -17.14 14.29 -6.18
CA GLY A 387 -17.91 13.06 -6.17
C GLY A 387 -18.77 12.90 -4.93
N ILE A 388 -18.20 13.25 -3.78
CA ILE A 388 -18.87 13.15 -2.48
C ILE A 388 -20.03 14.15 -2.29
N THR A 389 -19.83 15.39 -2.72
CA THR A 389 -20.85 16.42 -2.55
C THR A 389 -21.81 16.55 -3.72
N THR A 390 -21.38 17.20 -4.78
CA THR A 390 -22.22 17.41 -5.96
C THR A 390 -22.77 16.11 -6.53
N LEU A 391 -21.93 15.08 -6.62
CA LEU A 391 -22.36 13.78 -7.14
C LEU A 391 -23.07 12.92 -6.07
N GLY A 392 -23.06 13.38 -4.83
CA GLY A 392 -23.71 12.64 -3.77
C GLY A 392 -23.17 11.25 -3.47
N GLY A 393 -21.93 11.00 -3.90
CA GLY A 393 -21.31 9.70 -3.67
C GLY A 393 -21.85 8.57 -4.52
N ALA A 394 -22.80 8.89 -5.39
CA ALA A 394 -23.42 7.89 -6.25
C ALA A 394 -22.45 7.11 -7.15
N SER A 395 -21.39 7.77 -7.61
CA SER A 395 -20.41 7.12 -8.48
C SER A 395 -19.67 6.04 -7.72
N TYR A 396 -19.42 6.30 -6.45
CA TYR A 396 -18.74 5.35 -5.59
C TYR A 396 -19.68 4.15 -5.42
N GLY A 397 -20.95 4.45 -5.19
CA GLY A 397 -21.94 3.39 -5.02
C GLY A 397 -22.05 2.52 -6.26
N LYS A 398 -21.97 3.15 -7.44
CA LYS A 398 -22.03 2.41 -8.70
C LYS A 398 -20.79 1.55 -8.87
N ALA A 399 -19.62 2.12 -8.56
CA ALA A 399 -18.37 1.37 -8.68
C ALA A 399 -18.46 0.12 -7.78
N ARG A 400 -18.89 0.32 -6.53
CA ARG A 400 -19.04 -0.79 -5.60
C ARG A 400 -19.94 -1.88 -6.15
N ASN A 401 -21.04 -1.49 -6.78
CA ASN A 401 -21.97 -2.48 -7.33
C ASN A 401 -21.41 -3.20 -8.55
N LEU A 402 -20.27 -2.73 -9.06
CA LEU A 402 -19.64 -3.35 -10.23
C LEU A 402 -18.47 -4.26 -9.84
N VAL A 403 -17.95 -4.09 -8.63
CA VAL A 403 -16.80 -4.88 -8.18
C VAL A 403 -17.06 -6.39 -8.28
N PRO A 404 -18.23 -6.86 -7.84
CA PRO A 404 -18.50 -8.30 -7.93
C PRO A 404 -18.32 -8.81 -9.37
N LEU A 405 -18.71 -7.99 -10.35
CA LEU A 405 -18.58 -8.38 -11.75
C LEU A 405 -17.11 -8.41 -12.17
N ALA A 406 -16.31 -7.48 -11.67
CA ALA A 406 -14.88 -7.47 -12.01
C ALA A 406 -14.24 -8.68 -11.35
N ARG A 407 -14.65 -8.95 -10.12
CA ARG A 407 -14.11 -10.06 -9.36
C ARG A 407 -14.50 -11.38 -10.05
N ALA A 408 -15.75 -11.48 -10.50
CA ALA A 408 -16.22 -12.69 -11.17
C ALA A 408 -15.51 -12.90 -12.51
N ALA A 409 -15.13 -11.81 -13.17
CA ALA A 409 -14.43 -11.91 -14.45
C ALA A 409 -13.11 -12.64 -14.26
N TYR A 410 -12.34 -12.21 -13.26
CA TYR A 410 -11.05 -12.86 -12.99
C TYR A 410 -11.26 -14.31 -12.54
N ASP A 411 -12.22 -14.53 -11.65
CA ASP A 411 -12.49 -15.87 -11.15
C ASP A 411 -12.91 -16.83 -12.27
N THR A 412 -13.53 -16.31 -13.33
CA THR A 412 -13.93 -17.17 -14.43
C THR A 412 -12.67 -17.62 -15.17
N ALA A 413 -11.73 -16.70 -15.36
CA ALA A 413 -10.47 -17.03 -16.01
C ALA A 413 -9.68 -17.98 -15.12
N LEU A 414 -9.78 -17.77 -13.81
CA LEU A 414 -9.08 -18.62 -12.87
C LEU A 414 -9.65 -20.03 -12.80
N ARG A 415 -10.78 -20.26 -13.47
CA ARG A 415 -11.37 -21.58 -13.51
C ARG A 415 -10.72 -22.34 -14.67
N GLN A 416 -10.20 -21.61 -15.64
CA GLN A 416 -9.52 -22.21 -16.79
C GLN A 416 -8.02 -22.29 -16.53
N PHE A 417 -7.50 -21.37 -15.72
CA PHE A 417 -6.08 -21.35 -15.40
C PHE A 417 -5.85 -21.32 -13.89
N ASP A 418 -4.66 -21.75 -13.48
CA ASP A 418 -4.29 -21.75 -12.08
C ASP A 418 -3.84 -20.35 -11.65
N VAL A 419 -3.12 -19.68 -12.54
CA VAL A 419 -2.68 -18.32 -12.25
C VAL A 419 -2.73 -17.50 -13.54
N LEU A 420 -2.78 -16.18 -13.38
CA LEU A 420 -2.82 -15.27 -14.51
C LEU A 420 -1.54 -14.46 -14.46
N VAL A 421 -0.95 -14.19 -15.62
CA VAL A 421 0.28 -13.41 -15.64
C VAL A 421 0.23 -12.27 -16.63
N MET A 422 1.01 -11.23 -16.36
CA MET A 422 1.09 -10.06 -17.22
C MET A 422 2.20 -9.19 -16.68
N PRO A 423 2.55 -8.13 -17.41
CA PRO A 423 3.63 -7.26 -16.93
C PRO A 423 3.17 -6.52 -15.69
N THR A 424 4.04 -6.40 -14.69
CA THR A 424 3.71 -5.68 -13.48
C THR A 424 3.59 -4.22 -13.90
N LEU A 425 4.56 -3.77 -14.69
CA LEU A 425 4.63 -2.39 -15.19
C LEU A 425 4.82 -2.36 -16.71
N PRO A 426 4.30 -1.32 -17.38
CA PRO A 426 4.45 -1.22 -18.82
C PRO A 426 5.78 -0.60 -19.28
N TYR A 427 6.61 -0.18 -18.32
CA TYR A 427 7.89 0.42 -18.69
C TYR A 427 8.93 0.35 -17.57
N VAL A 428 10.19 0.63 -17.91
CA VAL A 428 11.27 0.58 -16.94
C VAL A 428 11.41 1.91 -16.19
N ALA A 429 12.07 1.86 -15.04
CA ALA A 429 12.27 3.05 -14.23
C ALA A 429 12.72 4.22 -15.09
N SER A 430 11.94 5.30 -15.07
CA SER A 430 12.27 6.49 -15.85
C SER A 430 13.00 7.48 -14.94
N GLU A 431 13.64 8.48 -15.54
CA GLU A 431 14.37 9.46 -14.76
C GLU A 431 13.44 10.31 -13.91
N LEU A 432 13.90 10.74 -12.74
CA LEU A 432 13.08 11.56 -11.86
C LEU A 432 12.84 12.91 -12.50
N PRO A 433 11.65 13.50 -12.29
CA PRO A 433 11.36 14.81 -12.87
C PRO A 433 12.17 15.86 -12.16
N ALA A 434 12.40 17.00 -12.82
CA ALA A 434 13.17 18.09 -12.22
C ALA A 434 12.24 18.87 -11.29
N LYS A 435 12.78 19.40 -10.20
CA LYS A 435 11.97 20.18 -9.28
C LYS A 435 11.52 21.44 -9.99
N ASP A 436 10.58 21.26 -10.93
CA ASP A 436 10.05 22.33 -11.74
C ASP A 436 9.01 21.67 -12.64
N VAL A 437 8.75 20.39 -12.35
CA VAL A 437 7.80 19.59 -13.12
C VAL A 437 6.47 20.30 -13.33
N ASP A 438 5.83 19.98 -14.46
CA ASP A 438 4.54 20.53 -14.80
C ASP A 438 3.49 19.67 -14.09
N ARG A 439 2.50 20.30 -13.49
CA ARG A 439 1.45 19.60 -12.77
C ARG A 439 0.82 18.45 -13.56
N ALA A 440 0.63 18.65 -14.86
CA ALA A 440 0.06 17.62 -15.71
C ALA A 440 1.04 16.47 -15.90
N THR A 441 2.32 16.82 -16.06
CA THR A 441 3.37 15.83 -16.24
C THR A 441 3.48 15.03 -14.95
N PHE A 442 3.45 15.77 -13.84
CA PHE A 442 3.53 15.22 -12.49
C PHE A 442 2.50 14.11 -12.32
N ILE A 443 1.23 14.42 -12.57
CA ILE A 443 0.16 13.45 -12.42
C ILE A 443 0.30 12.23 -13.32
N THR A 444 0.56 12.44 -14.60
CA THR A 444 0.72 11.32 -15.54
C THR A 444 1.92 10.44 -15.18
N LYS A 445 3.01 11.07 -14.75
CA LYS A 445 4.22 10.32 -14.39
C LYS A 445 4.11 9.67 -13.01
N ALA A 446 3.16 10.13 -12.21
CA ALA A 446 2.97 9.58 -10.87
C ALA A 446 1.96 8.43 -10.87
N LEU A 447 0.98 8.48 -11.77
CA LEU A 447 -0.04 7.44 -11.81
C LEU A 447 -0.28 6.73 -13.14
N GLY A 448 0.66 6.84 -14.08
CA GLY A 448 0.44 6.20 -15.37
C GLY A 448 0.89 4.76 -15.50
N MET A 449 1.45 4.18 -14.43
CA MET A 449 1.95 2.82 -14.46
C MET A 449 1.17 1.82 -13.60
N ILE A 450 -0.03 2.19 -13.15
CA ILE A 450 -0.81 1.32 -12.28
C ILE A 450 -1.94 0.56 -12.96
N ALA A 451 -1.98 0.58 -14.29
CA ALA A 451 -3.05 -0.08 -15.02
C ALA A 451 -3.23 -1.58 -14.78
N ASN A 452 -2.15 -2.31 -14.61
CA ASN A 452 -2.27 -3.75 -14.38
C ASN A 452 -2.34 -4.13 -12.91
N THR A 453 -1.71 -3.33 -12.05
CA THR A 453 -1.71 -3.63 -10.62
C THR A 453 -2.99 -3.27 -9.87
N ALA A 454 -3.48 -2.05 -10.08
CA ALA A 454 -4.67 -1.55 -9.38
C ALA A 454 -5.94 -2.39 -9.43
N PRO A 455 -6.24 -3.03 -10.56
CA PRO A 455 -7.45 -3.85 -10.62
C PRO A 455 -7.52 -4.91 -9.50
N PHE A 456 -6.37 -5.50 -9.18
CA PHE A 456 -6.35 -6.53 -8.15
C PHE A 456 -6.44 -5.97 -6.74
N ASP A 457 -6.25 -4.66 -6.61
CA ASP A 457 -6.40 -4.07 -5.30
C ASP A 457 -7.89 -3.99 -5.03
N VAL A 458 -8.69 -3.75 -6.07
CA VAL A 458 -10.12 -3.66 -5.86
C VAL A 458 -10.80 -5.02 -5.77
N THR A 459 -10.33 -6.00 -6.54
CA THR A 459 -10.94 -7.33 -6.47
C THR A 459 -10.35 -8.15 -5.31
N GLY A 460 -9.14 -7.78 -4.88
CA GLY A 460 -8.50 -8.46 -3.76
C GLY A 460 -7.67 -9.70 -4.00
N HIS A 461 -7.57 -10.17 -5.25
CA HIS A 461 -6.77 -11.36 -5.54
C HIS A 461 -5.29 -11.23 -5.16
N PRO A 462 -4.66 -12.31 -4.69
CA PRO A 462 -3.24 -12.24 -4.32
C PRO A 462 -2.48 -11.94 -5.62
N SER A 463 -1.45 -11.12 -5.56
CA SER A 463 -0.71 -10.73 -6.76
C SER A 463 0.78 -10.54 -6.44
N LEU A 464 1.61 -11.31 -7.13
CA LEU A 464 3.05 -11.29 -6.91
C LEU A 464 3.87 -10.74 -8.09
N SER A 465 4.87 -9.93 -7.77
CA SER A 465 5.73 -9.38 -8.81
C SER A 465 7.14 -9.95 -8.64
N VAL A 466 7.63 -10.63 -9.68
CA VAL A 466 8.98 -11.22 -9.63
C VAL A 466 9.84 -10.67 -10.76
N PRO A 467 11.12 -10.39 -10.49
CA PRO A 467 12.00 -9.86 -11.53
C PRO A 467 12.00 -10.82 -12.72
N ALA A 468 11.60 -10.32 -13.89
CA ALA A 468 11.54 -11.13 -15.09
C ALA A 468 12.81 -11.03 -15.92
N GLY A 469 13.50 -9.90 -15.81
CA GLY A 469 14.73 -9.71 -16.56
C GLY A 469 15.11 -8.25 -16.64
N LEU A 470 16.02 -7.92 -17.54
CA LEU A 470 16.46 -6.54 -17.72
C LEU A 470 16.18 -6.07 -19.14
N VAL A 471 15.84 -4.80 -19.27
CA VAL A 471 15.57 -4.17 -20.56
C VAL A 471 16.30 -2.85 -20.46
N ASN A 472 17.32 -2.67 -21.31
CA ASN A 472 18.13 -1.47 -21.29
C ASN A 472 18.82 -1.37 -19.93
N GLY A 473 19.20 -2.52 -19.39
CA GLY A 473 19.89 -2.57 -18.11
C GLY A 473 19.04 -2.31 -16.88
N LEU A 474 17.73 -2.16 -17.06
CA LEU A 474 16.84 -1.90 -15.93
C LEU A 474 15.87 -3.06 -15.71
N PRO A 475 15.47 -3.28 -14.45
CA PRO A 475 14.54 -4.36 -14.14
C PRO A 475 13.13 -4.20 -14.69
N VAL A 476 12.53 -5.33 -15.02
CA VAL A 476 11.15 -5.41 -15.50
C VAL A 476 10.60 -6.56 -14.68
N GLY A 477 9.30 -6.52 -14.37
CA GLY A 477 8.74 -7.58 -13.57
C GLY A 477 7.52 -8.26 -14.15
N MET A 478 7.37 -9.54 -13.81
CA MET A 478 6.23 -10.31 -14.26
C MET A 478 5.31 -10.46 -13.07
N MET A 479 4.02 -10.25 -13.29
CA MET A 479 3.07 -10.34 -12.20
C MET A 479 2.23 -11.60 -12.29
N ILE A 480 2.21 -12.35 -11.18
CA ILE A 480 1.47 -13.59 -11.08
C ILE A 480 0.30 -13.37 -10.12
N THR A 481 -0.92 -13.64 -10.59
CA THR A 481 -2.10 -13.42 -9.79
C THR A 481 -2.97 -14.68 -9.73
N GLY A 482 -3.51 -14.97 -8.55
CA GLY A 482 -4.33 -16.15 -8.43
C GLY A 482 -5.61 -15.97 -7.63
N ARG A 483 -6.24 -17.10 -7.31
CA ARG A 483 -7.48 -17.12 -6.55
C ARG A 483 -7.29 -16.59 -5.14
N HIS A 484 -8.37 -16.05 -4.57
CA HIS A 484 -8.31 -15.55 -3.21
C HIS A 484 -7.79 -16.64 -2.28
N PHE A 485 -6.85 -16.27 -1.43
CA PHE A 485 -6.26 -17.17 -0.46
C PHE A 485 -5.50 -18.36 -1.05
N ASP A 486 -5.09 -18.21 -2.30
CA ASP A 486 -4.28 -19.25 -2.94
C ASP A 486 -2.89 -18.66 -3.13
N ASP A 487 -2.48 -17.86 -2.14
CA ASP A 487 -1.16 -17.24 -2.15
C ASP A 487 -0.05 -18.30 -2.30
N ALA A 488 -0.29 -19.48 -1.73
CA ALA A 488 0.69 -20.58 -1.79
C ALA A 488 1.04 -20.94 -3.24
N THR A 489 0.01 -21.09 -4.07
CA THR A 489 0.24 -21.43 -5.47
C THR A 489 0.91 -20.29 -6.23
N VAL A 490 0.52 -19.06 -5.92
CA VAL A 490 1.11 -17.91 -6.59
C VAL A 490 2.59 -17.88 -6.27
N LEU A 491 2.92 -18.09 -4.99
CA LEU A 491 4.31 -18.11 -4.57
C LEU A 491 5.05 -19.28 -5.20
N ARG A 492 4.41 -20.45 -5.24
CA ARG A 492 5.04 -21.63 -5.84
C ARG A 492 5.40 -21.38 -7.31
N VAL A 493 4.46 -20.82 -8.08
CA VAL A 493 4.72 -20.52 -9.48
C VAL A 493 5.85 -19.51 -9.56
N GLY A 494 5.85 -18.54 -8.66
CA GLY A 494 6.91 -17.55 -8.65
C GLY A 494 8.26 -18.19 -8.34
N ARG A 495 8.26 -19.13 -7.40
CA ARG A 495 9.48 -19.83 -7.03
C ARG A 495 9.98 -20.66 -8.21
N ALA A 496 9.06 -21.35 -8.88
CA ALA A 496 9.42 -22.17 -10.04
C ALA A 496 10.06 -21.29 -11.11
N PHE A 497 9.45 -20.13 -11.37
CA PHE A 497 9.99 -19.22 -12.38
C PHE A 497 11.41 -18.72 -12.06
N GLU A 498 11.66 -18.38 -10.79
CA GLU A 498 13.00 -17.90 -10.43
C GLU A 498 14.06 -18.98 -10.67
N LYS A 499 13.70 -20.23 -10.38
CA LYS A 499 14.61 -21.35 -10.57
C LYS A 499 14.95 -21.53 -12.05
N LEU A 500 13.92 -21.42 -12.90
CA LEU A 500 14.11 -21.55 -14.33
C LEU A 500 14.89 -20.36 -14.86
N ARG A 501 14.51 -19.17 -14.40
CA ARG A 501 15.13 -17.92 -14.81
C ARG A 501 16.56 -17.82 -14.31
N GLY A 502 16.83 -18.44 -13.17
CA GLY A 502 18.16 -18.38 -12.59
C GLY A 502 18.31 -17.16 -11.70
N ALA A 503 19.39 -17.12 -10.94
CA ALA A 503 19.64 -15.99 -10.05
C ALA A 503 19.49 -14.68 -10.79
N PHE A 504 18.83 -13.71 -10.17
CA PHE A 504 18.64 -12.41 -10.79
C PHE A 504 19.70 -11.46 -10.26
N PRO A 505 20.43 -10.80 -11.17
CA PRO A 505 21.49 -9.85 -10.83
C PRO A 505 21.12 -8.75 -9.84
N THR A 506 22.11 -8.33 -9.07
CA THR A 506 21.94 -7.28 -8.08
C THR A 506 22.47 -5.97 -8.66
N PRO A 507 21.81 -4.85 -8.36
CA PRO A 507 22.29 -3.58 -8.90
C PRO A 507 23.76 -3.34 -8.56
N ALA A 508 24.24 -4.04 -7.54
CA ALA A 508 25.62 -3.93 -7.11
C ALA A 508 26.50 -4.73 -8.08
N GLU A 509 26.02 -4.89 -9.30
CA GLU A 509 26.75 -5.63 -10.32
C GLU A 509 26.50 -5.02 -11.70
#